data_9HFC
#
_entry.id   9HFC
#
_cell.length_a   84.693
_cell.length_b   84.693
_cell.length_c   91.512
_cell.angle_alpha   90.00
_cell.angle_beta   90.00
_cell.angle_gamma   120.00
#
_symmetry.space_group_name_H-M   'P 31 2 1'
#
loop_
_entity.id
_entity.type
_entity.pdbx_description
1 polymer 'Telomeric repeat-binding factor 1'
2 non-polymer GLYCEROL
3 non-polymer 2-[(3-fluorophenyl)methyl]-1lambda~6~,2-thiazolidine-1,1-dione
4 non-polymer 'DIMETHYL SULFOXIDE'
5 water water
#
_entity_poly.entity_id   1
_entity_poly.type   'polypeptide(L)'
_entity_poly.pdbx_seq_one_letter_code
;SNAQVQVGAPEEEEEEEEDAGLVAEAEAVAAGWMLDFLCLSLCRAFRDGRSEDFRRTRNSAEAIIHGLSSLTACQLRTIY
ICQFLTRIAAGKTLDAQFENDERITPLESALMIWGSIEKEHDKLHEEIQNLIKIQAIAVCMENGNFKEAEEVFERIFGDP
NSHMPFKSKLLMIISQKDTFHSFFQHFSYNHMMEKIKSYVNYVLSEKSSTFLMKAAAKVVESKR
;
_entity_poly.pdbx_strand_id   A
#
# COMPACT_ATOMS: atom_id res chain seq x y z
N GLU A 18 -18.83 36.83 -8.45
CA GLU A 18 -18.27 35.57 -7.93
C GLU A 18 -16.78 35.75 -7.58
N ASP A 19 -16.37 35.26 -6.40
CA ASP A 19 -14.98 35.38 -5.98
C ASP A 19 -14.24 34.10 -6.31
N ALA A 20 -13.38 34.14 -7.33
CA ALA A 20 -12.61 32.99 -7.76
C ALA A 20 -11.75 32.39 -6.66
N GLY A 21 -11.15 33.24 -5.82
CA GLY A 21 -10.32 32.79 -4.71
C GLY A 21 -11.06 31.92 -3.71
N LEU A 22 -12.30 32.32 -3.35
CA LEU A 22 -13.13 31.59 -2.41
C LEU A 22 -13.69 30.31 -3.05
N VAL A 23 -13.97 30.32 -4.36
CA VAL A 23 -14.43 29.14 -5.07
C VAL A 23 -13.30 28.09 -5.08
N ALA A 24 -12.06 28.54 -5.38
CA ALA A 24 -10.89 27.67 -5.40
C ALA A 24 -10.62 27.09 -4.02
N GLU A 25 -10.86 27.87 -2.94
CA GLU A 25 -10.72 27.41 -1.56
C GLU A 25 -11.75 26.33 -1.24
N ALA A 26 -13.02 26.53 -1.65
CA ALA A 26 -14.09 25.55 -1.46
C ALA A 26 -13.74 24.26 -2.19
N GLU A 27 -13.18 24.36 -3.39
CA GLU A 27 -12.76 23.20 -4.16
C GLU A 27 -11.61 22.45 -3.47
N ALA A 28 -10.72 23.18 -2.79
CA ALA A 28 -9.61 22.55 -2.07
C ALA A 28 -10.14 21.79 -0.83
N VAL A 29 -11.15 22.38 -0.13
CA VAL A 29 -11.80 21.77 1.01
C VAL A 29 -12.46 20.44 0.58
N ALA A 30 -13.18 20.45 -0.54
CA ALA A 30 -13.88 19.30 -1.08
C ALA A 30 -12.90 18.25 -1.57
N ALA A 31 -11.76 18.65 -2.16
CA ALA A 31 -10.73 17.68 -2.57
C ALA A 31 -10.19 16.93 -1.33
N GLY A 32 -10.02 17.66 -0.22
CA GLY A 32 -9.57 17.10 1.04
C GLY A 32 -10.50 16.06 1.59
N TRP A 33 -11.83 16.31 1.45
CA TRP A 33 -12.89 15.39 1.86
C TRP A 33 -12.91 14.16 0.95
N MET A 34 -12.80 14.37 -0.36
CA MET A 34 -12.79 13.25 -1.32
C MET A 34 -11.60 12.34 -1.08
N LEU A 35 -10.44 12.92 -0.75
CA LEU A 35 -9.23 12.15 -0.46
C LEU A 35 -9.45 11.21 0.73
N ASP A 36 -10.04 11.71 1.81
CA ASP A 36 -10.28 10.88 2.99
C ASP A 36 -11.27 9.77 2.66
N PHE A 37 -12.33 10.09 1.91
CA PHE A 37 -13.35 9.14 1.52
C PHE A 37 -12.75 8.03 0.66
N LEU A 38 -11.96 8.39 -0.34
CA LEU A 38 -11.34 7.41 -1.24
C LEU A 38 -10.28 6.58 -0.52
N CYS A 39 -9.61 7.14 0.51
CA CYS A 39 -8.63 6.35 1.28
C CYS A 39 -9.38 5.27 2.07
N LEU A 40 -10.49 5.67 2.70
CA LEU A 40 -11.38 4.81 3.47
C LEU A 40 -11.88 3.66 2.59
N SER A 41 -12.27 3.98 1.35
CA SER A 41 -12.77 2.99 0.42
C SER A 41 -11.65 2.07 -0.10
N LEU A 42 -10.45 2.62 -0.29
CA LEU A 42 -9.30 1.84 -0.73
C LEU A 42 -8.93 0.82 0.33
N CYS A 43 -8.95 1.24 1.61
CA CYS A 43 -8.66 0.42 2.78
C CYS A 43 -9.63 -0.74 2.89
N ARG A 44 -10.95 -0.46 2.70
CA ARG A 44 -11.98 -1.50 2.79
C ARG A 44 -11.87 -2.50 1.66
N ALA A 45 -11.59 -2.05 0.42
CA ALA A 45 -11.46 -2.95 -0.73
C ALA A 45 -10.22 -3.85 -0.56
N PHE A 46 -9.14 -3.29 0.00
CA PHE A 46 -7.91 -4.04 0.24
C PHE A 46 -8.20 -5.12 1.31
N ARG A 47 -8.88 -4.73 2.40
CA ARG A 47 -9.25 -5.63 3.49
C ARG A 47 -10.18 -6.75 3.01
N ASP A 48 -11.15 -6.41 2.16
CA ASP A 48 -12.15 -7.33 1.64
C ASP A 48 -11.67 -8.21 0.49
N GLY A 49 -10.60 -7.82 -0.19
CA GLY A 49 -10.10 -8.58 -1.34
C GLY A 49 -10.84 -8.27 -2.64
N ARG A 50 -11.56 -7.12 -2.66
CA ARG A 50 -12.30 -6.68 -3.83
C ARG A 50 -11.33 -5.95 -4.79
N SER A 51 -10.62 -6.74 -5.63
CA SER A 51 -9.60 -6.25 -6.55
C SER A 51 -10.02 -5.18 -7.54
N GLU A 52 -11.18 -5.37 -8.21
CA GLU A 52 -11.68 -4.44 -9.20
C GLU A 52 -12.10 -3.15 -8.53
N ASP A 53 -12.76 -3.26 -7.37
CA ASP A 53 -13.16 -2.09 -6.60
C ASP A 53 -11.93 -1.33 -6.12
N PHE A 54 -10.87 -2.05 -5.68
CA PHE A 54 -9.61 -1.43 -5.26
C PHE A 54 -9.01 -0.64 -6.44
N ARG A 55 -8.92 -1.27 -7.63
CA ARG A 55 -8.38 -0.64 -8.83
C ARG A 55 -9.15 0.64 -9.22
N ARG A 56 -10.49 0.63 -9.11
CA ARG A 56 -11.29 1.81 -9.43
C ARG A 56 -11.12 2.91 -8.41
N THR A 57 -11.10 2.54 -7.12
CA THR A 57 -10.90 3.54 -6.06
C THR A 57 -9.50 4.15 -6.16
N ARG A 58 -8.49 3.33 -6.49
CA ARG A 58 -7.11 3.76 -6.66
CA ARG A 58 -7.12 3.75 -6.67
C ARG A 58 -7.04 4.82 -7.77
N ASN A 59 -7.70 4.57 -8.91
CA ASN A 59 -7.73 5.49 -10.04
C ASN A 59 -8.39 6.79 -9.63
N SER A 60 -9.47 6.72 -8.82
CA SER A 60 -10.17 7.91 -8.36
C SER A 60 -9.29 8.69 -7.40
N ALA A 61 -8.63 8.03 -6.43
CA ALA A 61 -7.76 8.71 -5.48
C ALA A 61 -6.60 9.38 -6.23
N GLU A 62 -5.99 8.70 -7.20
N GLU A 62 -6.01 8.68 -7.22
CA GLU A 62 -4.89 9.27 -7.96
CA GLU A 62 -4.90 9.19 -8.03
C GLU A 62 -5.31 10.53 -8.70
C GLU A 62 -5.31 10.49 -8.72
N ALA A 63 -6.50 10.54 -9.27
CA ALA A 63 -6.99 11.71 -9.99
C ALA A 63 -7.30 12.86 -9.04
N ILE A 64 -7.95 12.57 -7.90
CA ILE A 64 -8.31 13.59 -6.92
C ILE A 64 -7.06 14.26 -6.34
N ILE A 65 -6.02 13.45 -6.08
CA ILE A 65 -4.74 13.90 -5.53
C ILE A 65 -4.06 14.90 -6.48
N HIS A 66 -4.23 14.73 -7.81
CA HIS A 66 -3.72 15.69 -8.79
C HIS A 66 -4.37 17.07 -8.64
N GLY A 67 -5.59 17.12 -8.13
CA GLY A 67 -6.28 18.38 -7.90
C GLY A 67 -5.83 19.12 -6.65
N LEU A 68 -4.82 18.60 -5.96
CA LEU A 68 -4.27 19.23 -4.76
C LEU A 68 -2.81 19.63 -5.02
N SER A 69 -2.43 20.89 -4.78
CA SER A 69 -1.03 21.31 -5.00
C SER A 69 -0.24 21.49 -3.69
N SER A 70 -0.96 21.67 -2.57
CA SER A 70 -0.38 21.86 -1.24
C SER A 70 -1.08 20.92 -0.28
N LEU A 71 -0.32 20.03 0.40
CA LEU A 71 -0.92 19.09 1.34
C LEU A 71 -0.45 19.30 2.78
N THR A 72 -1.35 19.12 3.74
CA THR A 72 -0.98 19.18 5.17
C THR A 72 -0.24 17.87 5.55
N ALA A 73 0.35 17.82 6.76
CA ALA A 73 1.02 16.63 7.27
C ALA A 73 0.09 15.41 7.28
N CYS A 74 -1.19 15.61 7.63
N CYS A 74 -1.19 15.61 7.63
CA CYS A 74 -2.19 14.54 7.66
CA CYS A 74 -2.17 14.52 7.66
C CYS A 74 -2.51 14.06 6.24
C CYS A 74 -2.58 14.08 6.25
N GLN A 75 -2.60 15.00 5.28
CA GLN A 75 -2.92 14.67 3.89
C GLN A 75 -1.78 13.89 3.22
N LEU A 76 -0.53 14.22 3.57
CA LEU A 76 0.62 13.51 3.04
C LEU A 76 0.61 12.09 3.55
N ARG A 77 0.30 11.89 4.84
CA ARG A 77 0.20 10.55 5.42
C ARG A 77 -0.86 9.72 4.69
N THR A 78 -2.01 10.34 4.37
CA THR A 78 -3.10 9.70 3.64
C THR A 78 -2.70 9.28 2.23
N ILE A 79 -2.02 10.14 1.47
CA ILE A 79 -1.62 9.79 0.11
C ILE A 79 -0.55 8.70 0.12
N TYR A 80 0.38 8.71 1.09
CA TYR A 80 1.42 7.67 1.17
C TYR A 80 0.86 6.33 1.59
N ILE A 81 -0.24 6.30 2.38
CA ILE A 81 -0.90 5.04 2.71
C ILE A 81 -1.53 4.50 1.42
N CYS A 82 -2.14 5.38 0.60
CA CYS A 82 -2.72 4.96 -0.67
C CYS A 82 -1.67 4.40 -1.62
N GLN A 83 -0.49 5.07 -1.74
CA GLN A 83 0.60 4.62 -2.58
C GLN A 83 1.14 3.27 -2.06
N PHE A 84 1.26 3.12 -0.73
CA PHE A 84 1.77 1.91 -0.12
C PHE A 84 0.87 0.72 -0.46
N LEU A 85 -0.45 0.84 -0.22
CA LEU A 85 -1.39 -0.23 -0.53
C LEU A 85 -1.45 -0.56 -2.02
N THR A 86 -1.21 0.44 -2.86
CA THR A 86 -1.19 0.29 -4.31
C THR A 86 -0.03 -0.59 -4.74
N ARG A 87 1.15 -0.39 -4.15
CA ARG A 87 2.34 -1.21 -4.49
C ARG A 87 2.16 -2.63 -3.98
N ILE A 88 1.63 -2.78 -2.76
CA ILE A 88 1.40 -4.13 -2.17
C ILE A 88 0.44 -4.91 -3.08
N ALA A 89 -0.61 -4.25 -3.58
CA ALA A 89 -1.61 -4.92 -4.43
C ALA A 89 -1.00 -5.38 -5.74
N ALA A 90 0.06 -4.71 -6.20
CA ALA A 90 0.70 -5.06 -7.49
C ALA A 90 1.95 -5.89 -7.25
N GLY A 91 2.12 -6.42 -6.04
CA GLY A 91 3.34 -7.17 -5.70
C GLY A 91 3.60 -8.33 -6.63
N LYS A 92 2.56 -9.07 -7.00
CA LYS A 92 2.75 -10.29 -7.84
C LYS A 92 2.55 -9.96 -9.33
N THR A 93 2.06 -8.75 -9.64
CA THR A 93 1.78 -8.37 -11.04
C THR A 93 3.09 -8.07 -11.74
N LEU A 94 3.21 -8.46 -13.00
CA LEU A 94 4.46 -8.22 -13.78
C LEU A 94 4.24 -7.09 -14.79
N ASP A 95 4.80 -5.91 -14.52
CA ASP A 95 4.65 -4.74 -15.44
C ASP A 95 6.02 -4.10 -15.67
N ALA A 96 6.51 -4.11 -16.91
CA ALA A 96 7.84 -3.54 -17.23
C ALA A 96 7.84 -2.02 -17.09
N GLN A 97 6.71 -1.38 -17.42
CA GLN A 97 6.64 0.10 -17.35
C GLN A 97 7.13 0.56 -15.97
N PHE A 98 6.67 -0.11 -14.91
CA PHE A 98 7.14 0.22 -13.54
C PHE A 98 8.64 -0.07 -13.47
N GLU A 99 9.04 -1.23 -13.97
CA GLU A 99 10.48 -1.62 -13.96
C GLU A 99 11.26 -0.64 -14.87
N ASN A 100 10.61 -0.09 -15.89
CA ASN A 100 11.28 0.90 -16.76
C ASN A 100 11.53 2.19 -15.98
N ASP A 101 10.54 2.68 -15.23
CA ASP A 101 10.68 3.97 -14.51
C ASP A 101 11.34 3.74 -13.15
N GLU A 102 10.69 3.01 -12.24
CA GLU A 102 11.22 2.81 -10.87
C GLU A 102 12.50 1.94 -10.92
N ARG A 103 12.56 0.98 -11.84
CA ARG A 103 13.74 0.08 -11.97
C ARG A 103 13.79 -0.89 -10.78
N ILE A 104 12.70 -0.97 -10.02
CA ILE A 104 12.62 -1.90 -8.85
C ILE A 104 11.29 -2.66 -8.95
N THR A 105 11.01 -3.52 -7.98
CA THR A 105 9.75 -4.30 -7.98
C THR A 105 8.72 -3.60 -7.11
N PRO A 106 7.42 -3.73 -7.40
CA PRO A 106 6.33 -3.07 -6.61
C PRO A 106 6.57 -3.24 -5.11
N LEU A 107 6.98 -4.43 -4.68
CA LEU A 107 7.17 -4.70 -3.25
C LEU A 107 8.38 -3.98 -2.71
N GLU A 108 9.45 -3.83 -3.51
CA GLU A 108 10.60 -2.99 -3.08
C GLU A 108 10.16 -1.52 -3.00
N SER A 109 9.27 -1.10 -3.87
CA SER A 109 8.74 0.27 -3.90
C SER A 109 7.88 0.50 -2.65
N ALA A 110 7.06 -0.52 -2.24
CA ALA A 110 6.25 -0.47 -1.02
C ALA A 110 7.14 -0.33 0.21
N LEU A 111 8.29 -0.98 0.22
CA LEU A 111 9.28 -0.94 1.29
C LEU A 111 9.85 0.47 1.45
N MET A 112 10.10 1.18 0.33
CA MET A 112 10.60 2.54 0.39
C MET A 112 9.55 3.47 0.96
N ILE A 113 8.28 3.28 0.58
CA ILE A 113 7.19 4.10 1.08
C ILE A 113 6.98 3.82 2.56
N TRP A 114 6.93 2.54 2.95
CA TRP A 114 6.73 2.12 4.33
C TRP A 114 7.74 2.73 5.29
N GLY A 115 8.98 2.81 4.86
CA GLY A 115 10.04 3.35 5.70
C GLY A 115 10.12 4.87 5.75
N SER A 116 9.24 5.58 5.03
CA SER A 116 9.29 7.05 5.02
C SER A 116 7.97 7.74 5.41
N ILE A 117 6.86 6.98 5.53
CA ILE A 117 5.61 7.46 6.12
C ILE A 117 5.86 8.00 7.54
N GLU A 118 5.30 9.18 7.88
CA GLU A 118 5.44 9.73 9.22
C GLU A 118 4.52 8.93 10.13
N LYS A 119 5.03 7.82 10.68
CA LYS A 119 4.30 6.90 11.54
C LYS A 119 5.25 6.23 12.56
N GLU A 120 4.69 5.63 13.62
CA GLU A 120 5.50 4.99 14.65
C GLU A 120 6.13 3.68 14.18
N HIS A 121 7.43 3.51 14.43
CA HIS A 121 8.17 2.30 14.10
C HIS A 121 8.06 1.33 15.28
N ASP A 122 6.85 0.79 15.49
CA ASP A 122 6.52 -0.16 16.55
C ASP A 122 6.81 -1.64 16.11
N LYS A 123 6.40 -2.65 16.91
CA LYS A 123 6.59 -4.06 16.58
C LYS A 123 5.91 -4.42 15.27
N LEU A 124 4.65 -3.95 15.07
CA LEU A 124 3.91 -4.22 13.83
C LEU A 124 4.61 -3.60 12.61
N HIS A 125 5.26 -2.43 12.77
CA HIS A 125 6.00 -1.82 11.66
C HIS A 125 7.17 -2.70 11.24
N GLU A 126 7.91 -3.26 12.21
CA GLU A 126 9.04 -4.12 11.89
C GLU A 126 8.56 -5.41 11.24
N GLU A 127 7.48 -6.01 11.76
CA GLU A 127 6.90 -7.24 11.21
C GLU A 127 6.52 -7.09 9.75
N ILE A 128 5.81 -6.00 9.40
CA ILE A 128 5.38 -5.70 8.04
C ILE A 128 6.60 -5.48 7.14
N GLN A 129 7.57 -4.69 7.61
CA GLN A 129 8.80 -4.42 6.88
C GLN A 129 9.55 -5.71 6.52
N ASN A 130 9.76 -6.59 7.49
CA ASN A 130 10.47 -7.84 7.28
C ASN A 130 9.71 -8.81 6.38
N LEU A 131 8.37 -8.82 6.47
CA LEU A 131 7.56 -9.67 5.60
C LEU A 131 7.63 -9.18 4.16
N ILE A 132 7.63 -7.83 3.95
CA ILE A 132 7.73 -7.28 2.59
C ILE A 132 9.11 -7.60 2.03
N LYS A 133 10.17 -7.47 2.84
CA LYS A 133 11.54 -7.77 2.43
C LYS A 133 11.67 -9.18 1.89
N ILE A 134 11.12 -10.19 2.59
CA ILE A 134 11.20 -11.58 2.16
C ILE A 134 10.28 -11.83 0.97
N GLN A 135 9.07 -11.28 1.01
CA GLN A 135 8.13 -11.46 -0.08
C GLN A 135 8.55 -10.80 -1.37
N ALA A 136 9.32 -9.68 -1.34
CA ALA A 136 9.85 -9.08 -2.58
C ALA A 136 10.73 -10.11 -3.34
N ILE A 137 11.44 -10.96 -2.58
CA ILE A 137 12.23 -12.06 -3.14
C ILE A 137 11.31 -13.25 -3.53
N ALA A 138 10.47 -13.73 -2.60
CA ALA A 138 9.62 -14.89 -2.84
C ALA A 138 8.67 -14.75 -4.03
N VAL A 139 8.08 -13.57 -4.27
CA VAL A 139 7.15 -13.43 -5.39
C VAL A 139 7.87 -13.63 -6.74
N CYS A 140 9.15 -13.28 -6.84
CA CYS A 140 9.94 -13.50 -8.05
C CYS A 140 10.17 -15.00 -8.26
N MET A 141 10.45 -15.72 -7.17
CA MET A 141 10.62 -17.17 -7.19
C MET A 141 9.32 -17.86 -7.58
N GLU A 142 8.19 -17.35 -7.06
CA GLU A 142 6.87 -17.89 -7.38
C GLU A 142 6.59 -17.76 -8.89
N ASN A 143 6.99 -16.63 -9.48
CA ASN A 143 6.85 -16.37 -10.91
C ASN A 143 7.94 -17.03 -11.80
N GLY A 144 8.83 -17.83 -11.22
CA GLY A 144 9.90 -18.51 -11.94
C GLY A 144 11.08 -17.64 -12.37
N ASN A 145 11.19 -16.42 -11.85
CA ASN A 145 12.28 -15.51 -12.21
C ASN A 145 13.29 -15.46 -11.07
N PHE A 146 14.22 -16.41 -11.10
CA PHE A 146 15.23 -16.58 -10.06
C PHE A 146 16.40 -15.63 -10.21
N LYS A 147 16.71 -15.18 -11.44
CA LYS A 147 17.73 -14.16 -11.63
C LYS A 147 17.21 -12.84 -10.99
N GLU A 148 15.89 -12.55 -11.15
CA GLU A 148 15.29 -11.37 -10.57
C GLU A 148 15.25 -11.45 -9.08
N ALA A 149 14.98 -12.63 -8.51
CA ALA A 149 14.96 -12.83 -7.06
C ALA A 149 16.32 -12.50 -6.46
N GLU A 150 17.42 -12.86 -7.15
CA GLU A 150 18.79 -12.56 -6.72
C GLU A 150 19.08 -11.08 -6.82
N GLU A 151 18.50 -10.38 -7.82
CA GLU A 151 18.71 -8.95 -8.00
C GLU A 151 17.98 -8.17 -6.91
N VAL A 152 16.76 -8.60 -6.55
CA VAL A 152 15.96 -8.03 -5.47
C VAL A 152 16.74 -8.22 -4.16
N PHE A 153 17.23 -9.45 -3.90
CA PHE A 153 18.02 -9.75 -2.70
C PHE A 153 19.23 -8.80 -2.56
N GLU A 154 19.95 -8.57 -3.66
CA GLU A 154 21.12 -7.69 -3.65
C GLU A 154 20.74 -6.25 -3.32
N ARG A 155 19.60 -5.77 -3.84
CA ARG A 155 19.17 -4.39 -3.59
C ARG A 155 18.69 -4.16 -2.14
N ILE A 156 18.11 -5.19 -1.49
CA ILE A 156 17.61 -5.08 -0.12
C ILE A 156 18.66 -5.43 0.97
N PHE A 157 19.39 -6.53 0.77
CA PHE A 157 20.35 -7.05 1.75
C PHE A 157 21.82 -6.89 1.34
N GLY A 158 22.14 -7.22 0.11
C MET A 164 25.72 -13.41 7.18
N PRO A 165 25.63 -14.27 8.21
CA PRO A 165 25.18 -15.65 7.96
C PRO A 165 23.73 -15.75 7.46
N PHE A 166 22.88 -14.80 7.84
CA PHE A 166 21.48 -14.78 7.41
C PHE A 166 21.42 -14.57 5.90
N LYS A 167 22.22 -13.62 5.39
CA LYS A 167 22.28 -13.30 3.98
C LYS A 167 22.77 -14.50 3.17
N SER A 168 23.76 -15.24 3.70
CA SER A 168 24.30 -16.44 3.05
C SER A 168 23.24 -17.51 2.97
N LYS A 169 22.49 -17.71 4.06
CA LYS A 169 21.40 -18.71 4.06
C LYS A 169 20.36 -18.30 3.02
N LEU A 170 19.87 -17.07 3.11
CA LEU A 170 18.84 -16.59 2.20
C LEU A 170 19.29 -16.69 0.75
N LEU A 171 20.56 -16.39 0.47
CA LEU A 171 21.09 -16.49 -0.88
C LEU A 171 21.19 -17.94 -1.36
N MET A 172 21.48 -18.88 -0.44
N MET A 172 21.47 -18.87 -0.43
CA MET A 172 21.55 -20.29 -0.80
CA MET A 172 21.56 -20.29 -0.75
C MET A 172 20.17 -20.80 -1.16
C MET A 172 20.18 -20.81 -1.16
N ILE A 173 19.15 -20.41 -0.39
CA ILE A 173 17.75 -20.78 -0.65
C ILE A 173 17.33 -20.32 -2.07
N ILE A 174 17.62 -19.07 -2.44
CA ILE A 174 17.32 -18.54 -3.77
C ILE A 174 18.08 -19.32 -4.83
N SER A 175 19.43 -19.50 -4.67
CA SER A 175 20.29 -20.25 -5.61
C SER A 175 19.77 -21.68 -5.85
N GLN A 176 19.28 -22.32 -4.81
CA GLN A 176 18.77 -23.69 -4.86
C GLN A 176 17.27 -23.75 -5.27
N LYS A 177 16.64 -22.62 -5.65
CA LYS A 177 15.22 -22.52 -6.02
C LYS A 177 14.33 -23.24 -4.99
N ASP A 178 14.65 -23.05 -3.71
CA ASP A 178 13.95 -23.69 -2.62
C ASP A 178 12.81 -22.81 -2.16
N THR A 179 11.84 -22.59 -3.06
CA THR A 179 10.71 -21.71 -2.86
C THR A 179 9.86 -22.06 -1.66
N PHE A 180 9.76 -23.36 -1.34
CA PHE A 180 8.90 -23.81 -0.24
C PHE A 180 9.66 -24.11 1.05
N HIS A 181 10.86 -23.52 1.24
CA HIS A 181 11.68 -23.66 2.45
C HIS A 181 10.86 -23.18 3.66
N SER A 182 11.04 -23.81 4.83
CA SER A 182 10.32 -23.41 6.04
C SER A 182 10.43 -21.91 6.36
N PHE A 183 11.55 -21.26 6.02
CA PHE A 183 11.73 -19.81 6.22
C PHE A 183 10.69 -19.05 5.43
N PHE A 184 10.46 -19.44 4.16
CA PHE A 184 9.49 -18.83 3.27
C PHE A 184 8.07 -19.08 3.70
N GLN A 185 7.81 -20.21 4.39
CA GLN A 185 6.51 -20.54 4.91
C GLN A 185 6.20 -19.74 6.19
N HIS A 186 7.23 -19.37 6.98
CA HIS A 186 7.02 -18.52 8.15
C HIS A 186 6.84 -17.06 7.62
N PHE A 187 7.70 -16.63 6.70
CA PHE A 187 7.61 -15.29 6.13
C PHE A 187 6.82 -15.33 4.81
N SER A 188 5.60 -15.84 4.88
CA SER A 188 4.75 -16.06 3.72
C SER A 188 4.00 -14.82 3.21
N TYR A 189 3.40 -14.97 2.04
CA TYR A 189 2.61 -13.94 1.42
C TYR A 189 1.36 -13.71 2.23
N ASN A 190 0.69 -14.80 2.64
CA ASN A 190 -0.52 -14.75 3.45
C ASN A 190 -0.26 -14.05 4.76
N HIS A 191 0.90 -14.33 5.39
CA HIS A 191 1.29 -13.69 6.65
C HIS A 191 1.55 -12.22 6.46
N MET A 192 2.14 -11.84 5.31
CA MET A 192 2.40 -10.46 4.96
C MET A 192 1.07 -9.72 4.83
N MET A 193 0.13 -10.28 4.06
CA MET A 193 -1.20 -9.73 3.87
C MET A 193 -1.97 -9.60 5.17
N GLU A 194 -1.91 -10.60 6.06
CA GLU A 194 -2.64 -10.55 7.34
C GLU A 194 -2.14 -9.41 8.20
N LYS A 195 -0.81 -9.22 8.29
CA LYS A 195 -0.20 -8.15 9.07
C LYS A 195 -0.53 -6.80 8.46
N ILE A 196 -0.49 -6.67 7.13
CA ILE A 196 -0.82 -5.40 6.49
C ILE A 196 -2.30 -5.08 6.69
N LYS A 197 -3.17 -6.09 6.62
CA LYS A 197 -4.60 -5.95 6.86
C LYS A 197 -4.90 -5.47 8.27
N SER A 198 -4.13 -5.94 9.27
N SER A 198 -4.14 -5.94 9.28
CA SER A 198 -4.31 -5.51 10.66
CA SER A 198 -4.32 -5.49 10.66
C SER A 198 -3.95 -4.01 10.80
C SER A 198 -3.95 -4.01 10.80
N TYR A 199 -2.94 -3.56 10.06
CA TYR A 199 -2.56 -2.16 10.07
C TYR A 199 -3.67 -1.34 9.38
N VAL A 200 -4.21 -1.85 8.27
CA VAL A 200 -5.27 -1.20 7.52
C VAL A 200 -6.52 -1.00 8.38
N ASN A 201 -6.79 -1.93 9.32
CA ASN A 201 -7.91 -1.82 10.24
C ASN A 201 -7.76 -0.62 11.18
N TYR A 202 -6.52 -0.26 11.53
CA TYR A 202 -6.26 0.90 12.39
C TYR A 202 -6.54 2.19 11.58
N VAL A 203 -6.10 2.22 10.29
CA VAL A 203 -6.35 3.34 9.40
C VAL A 203 -7.85 3.51 9.19
N LEU A 204 -8.57 2.41 8.98
CA LEU A 204 -10.02 2.38 8.80
C LEU A 204 -10.75 2.96 10.01
N SER A 205 -10.28 2.66 11.23
N SER A 205 -10.28 2.66 11.23
CA SER A 205 -10.91 3.17 12.45
CA SER A 205 -10.93 3.17 12.43
C SER A 205 -10.68 4.67 12.61
C SER A 205 -10.69 4.68 12.59
N GLU A 206 -9.49 5.16 12.22
CA GLU A 206 -9.16 6.57 12.33
C GLU A 206 -10.00 7.42 11.38
N LYS A 207 -10.21 6.91 10.15
CA LYS A 207 -10.93 7.64 9.12
C LYS A 207 -12.41 7.30 8.98
N SER A 208 -12.91 6.26 9.67
CA SER A 208 -14.31 5.86 9.60
C SER A 208 -15.31 7.00 9.91
N SER A 209 -14.84 8.04 10.61
CA SER A 209 -15.64 9.20 11.02
C SER A 209 -15.44 10.45 10.16
N THR A 210 -14.66 10.38 9.07
CA THR A 210 -14.44 11.55 8.21
C THR A 210 -15.76 12.04 7.61
N PHE A 211 -15.84 13.35 7.30
CA PHE A 211 -17.02 14.03 6.81
C PHE A 211 -17.84 13.33 5.71
N LEU A 212 -17.23 13.01 4.58
CA LEU A 212 -17.97 12.46 3.45
C LEU A 212 -18.61 11.11 3.73
N MET A 213 -17.88 10.16 4.32
CA MET A 213 -18.45 8.85 4.64
C MET A 213 -19.51 8.94 5.73
N LYS A 214 -19.28 9.81 6.74
CA LYS A 214 -20.19 10.00 7.84
C LYS A 214 -21.51 10.61 7.34
N ALA A 215 -21.45 11.55 6.38
CA ALA A 215 -22.64 12.16 5.82
C ALA A 215 -23.35 11.18 4.88
N ALA A 216 -22.58 10.38 4.12
CA ALA A 216 -23.13 9.36 3.22
C ALA A 216 -23.89 8.29 4.01
N ALA A 217 -23.31 7.81 5.13
CA ALA A 217 -23.94 6.79 5.96
C ALA A 217 -25.25 7.29 6.58
N LYS A 218 -25.32 8.59 6.94
CA LYS A 218 -26.53 9.18 7.53
C LYS A 218 -27.69 9.22 6.54
N VAL A 219 -27.39 9.34 5.22
CA VAL A 219 -28.43 9.35 4.20
C VAL A 219 -28.98 7.95 4.02
N VAL A 220 -28.10 6.94 3.97
CA VAL A 220 -28.48 5.53 3.83
C VAL A 220 -29.27 5.05 5.06
N GLU A 221 -28.85 5.47 6.27
CA GLU A 221 -29.55 5.09 7.51
C GLU A 221 -30.96 5.70 7.56
N SER A 222 -31.14 6.90 6.98
N SER A 222 -31.14 6.89 6.99
CA SER A 222 -32.44 7.57 6.94
CA SER A 222 -32.45 7.56 6.95
C SER A 222 -33.44 6.88 5.98
C SER A 222 -33.44 6.88 5.99
N LYS A 223 -32.95 6.06 5.04
CA LYS A 223 -33.82 5.36 4.11
C LYS A 223 -34.17 3.93 4.57
N ARG A 224 -34.47 3.75 5.86
#